data_7XG8
#
_entry.id   7XG8
#
_cell.length_a   38.774
_cell.length_b   63.525
_cell.length_c   108.083
_cell.angle_alpha   90.000
_cell.angle_beta   90.000
_cell.angle_gamma   90.000
#
_symmetry.space_group_name_H-M   'P 21 21 21'
#
loop_
_entity.id
_entity.type
_entity.pdbx_description
1 polymer 'ABC transporter, substrate binding protein, phosphate'
2 non-polymer 'PHOSPHATE ION'
3 water water
#
_entity_poly.entity_id   1
_entity_poly.type   'polypeptide(L)'
_entity_poly.pdbx_seq_one_letter_code
;MKKTLLIAAALFTAVSPVMAGGRLSGAGASFPSKIYTRWFADLAKEKGAPRVNYQAVGSGSGRKAFIDETVNFGASDDPM
KDKDIAKVKRGLVQIPMTGGTIAFGYNNPGCDLKLTQQKAVEVAMGQVTNWSELGCDDKKLTWAHRSDGSGTTKAFTNSM
QAFSKTWTLGTGKSVAWPAGVGGKGNAGVAGVIRNTDGAIGYVNQSYIDENVRAAALQNLSGEFLKPSVEAGAKALNGIT
LDENLAGTNPNPTAKGAYPIATLTWILAYENGNGRNTKPVKTALSRLLSDEYQDKAPSLGFVPLKGDILEKARGAVERIG
K
;
_entity_poly.pdbx_strand_id   A
#
# COMPACT_ATOMS: atom_id res chain seq x y z
N ARG A 23 -6.76 21.53 13.94
CA ARG A 23 -6.17 21.52 12.56
C ARG A 23 -4.91 20.65 12.46
N LEU A 24 -4.78 19.86 11.40
CA LEU A 24 -3.58 19.03 11.19
C LEU A 24 -3.24 18.79 9.71
N SER A 25 -1.96 18.59 9.43
CA SER A 25 -1.43 18.14 8.13
C SER A 25 -0.78 16.75 8.22
N GLY A 26 -1.16 15.85 7.32
CA GLY A 26 -0.51 14.55 7.13
C GLY A 26 0.02 14.49 5.72
N ALA A 27 1.12 13.77 5.51
CA ALA A 27 1.54 13.46 4.14
C ALA A 27 2.19 12.10 4.00
N GLY A 28 1.96 11.48 2.85
CA GLY A 28 2.67 10.32 2.39
C GLY A 28 1.91 9.42 1.41
N ALA A 29 1.80 8.17 1.82
CA ALA A 29 1.40 7.05 0.97
C ALA A 29 0.12 7.34 0.21
N SER A 30 0.18 7.12 -1.12
CA SER A 30 -1.02 7.12 -1.95
C SER A 30 -1.83 5.81 -1.84
N PHE A 31 -1.15 4.69 -1.53
CA PHE A 31 -1.78 3.36 -1.29
C PHE A 31 -3.08 3.39 -0.45
N PRO A 32 -3.04 4.04 0.73
CA PRO A 32 -4.20 4.23 1.57
C PRO A 32 -4.97 5.52 1.35
N SER A 33 -4.57 6.39 0.42
CA SER A 33 -5.09 7.78 0.44
C SER A 33 -6.61 7.91 0.24
N LYS A 34 -7.24 6.99 -0.52
CA LYS A 34 -8.70 7.02 -0.70
C LYS A 34 -9.46 6.73 0.60
N ILE A 35 -9.00 5.79 1.40
CA ILE A 35 -9.69 5.51 2.69
C ILE A 35 -9.32 6.56 3.75
N TYR A 36 -8.06 7.02 3.79
CA TYR A 36 -7.66 8.11 4.73
C TYR A 36 -8.47 9.40 4.52
N THR A 37 -8.57 9.84 3.26
CA THR A 37 -9.42 10.99 2.91
C THR A 37 -10.90 10.83 3.37
N ARG A 38 -11.52 9.67 3.17
CA ARG A 38 -12.88 9.43 3.66
C ARG A 38 -12.95 9.52 5.19
N TRP A 39 -12.04 8.81 5.84
CA TRP A 39 -11.90 8.81 7.29
C TRP A 39 -11.69 10.22 7.85
N PHE A 40 -10.82 11.01 7.22
CA PHE A 40 -10.55 12.36 7.70
C PHE A 40 -11.75 13.25 7.51
N ALA A 41 -12.48 13.07 6.39
CA ALA A 41 -13.77 13.75 6.18
C ALA A 41 -14.83 13.41 7.26
N ASP A 42 -15.00 12.12 7.55
CA ASP A 42 -15.85 11.67 8.68
C ASP A 42 -15.39 12.24 10.07
N LEU A 43 -14.11 12.06 10.41
CA LEU A 43 -13.46 12.67 11.57
C LEU A 43 -13.80 14.16 11.72
N ALA A 44 -13.75 14.91 10.62
CA ALA A 44 -13.94 16.38 10.62
C ALA A 44 -15.32 16.90 11.04
N LYS A 45 -16.28 16.00 11.24
CA LYS A 45 -17.63 16.33 11.66
C LYS A 45 -17.93 16.00 13.11
N GLU A 46 -17.02 15.32 13.80
CA GLU A 46 -17.27 14.93 15.19
C GLU A 46 -16.92 16.09 16.08
N LYS A 47 -17.68 16.24 17.17
CA LYS A 47 -17.52 17.34 18.12
C LYS A 47 -16.11 17.39 18.77
N GLY A 48 -15.36 18.44 18.46
CA GLY A 48 -14.00 18.61 18.97
C GLY A 48 -12.96 17.70 18.34
N ALA A 49 -13.24 17.26 17.11
CA ALA A 49 -12.29 16.49 16.30
C ALA A 49 -11.42 17.46 15.53
N PRO A 50 -10.16 17.09 15.25
CA PRO A 50 -9.33 17.96 14.41
C PRO A 50 -9.72 17.88 12.96
N ARG A 51 -9.36 18.94 12.23
CA ARG A 51 -9.46 18.96 10.79
C ARG A 51 -8.11 18.67 10.17
N VAL A 52 -8.11 17.60 9.38
CA VAL A 52 -6.89 16.96 8.92
C VAL A 52 -6.89 17.08 7.41
N ASN A 53 -5.77 17.60 6.89
CA ASN A 53 -5.50 17.61 5.47
C ASN A 53 -4.45 16.53 5.27
N TYR A 54 -4.69 15.63 4.31
CA TYR A 54 -3.73 14.62 3.94
C TYR A 54 -3.29 14.79 2.52
N GLN A 55 -1.99 14.90 2.29
CA GLN A 55 -1.45 15.00 0.91
C GLN A 55 -0.82 13.68 0.49
N ALA A 56 -1.25 13.15 -0.65
CA ALA A 56 -0.81 11.85 -1.18
C ALA A 56 0.40 12.03 -2.09
N VAL A 57 1.59 12.02 -1.50
CA VAL A 57 2.83 12.27 -2.23
C VAL A 57 3.77 11.03 -2.28
N GLY A 58 3.31 9.86 -1.83
CA GLY A 58 4.11 8.63 -1.89
C GLY A 58 4.87 8.50 -0.60
N SER A 59 5.16 7.26 -0.21
CA SER A 59 5.85 6.95 1.05
C SER A 59 7.26 7.56 1.19
N GLY A 60 8.02 7.65 0.09
CA GLY A 60 9.37 8.21 0.11
C GLY A 60 9.37 9.67 0.55
N SER A 61 8.44 10.42 -0.01
CA SER A 61 8.22 11.82 0.27
C SER A 61 7.58 12.03 1.66
N GLY A 62 6.67 11.15 2.06
CA GLY A 62 6.07 11.19 3.41
C GLY A 62 7.06 10.95 4.53
N ARG A 63 7.93 9.98 4.35
CA ARG A 63 9.06 9.80 5.26
C ARG A 63 9.95 11.05 5.38
N LYS A 64 10.23 11.74 4.28
CA LYS A 64 11.13 12.92 4.30
C LYS A 64 10.40 14.13 4.89
N ALA A 65 9.11 14.29 4.62
CA ALA A 65 8.26 15.25 5.34
C ALA A 65 8.24 15.03 6.86
N PHE A 66 8.17 13.76 7.24
CA PHE A 66 8.18 13.37 8.63
C PHE A 66 9.53 13.67 9.28
N ILE A 67 10.61 13.19 8.67
CA ILE A 67 11.93 13.43 9.24
C ILE A 67 12.26 14.94 9.30
N ASP A 68 11.84 15.68 8.28
CA ASP A 68 12.04 17.14 8.23
C ASP A 68 11.10 17.94 9.09
N GLU A 69 10.13 17.30 9.74
CA GLU A 69 9.20 17.97 10.65
C GLU A 69 8.33 19.02 9.95
N THR A 70 7.91 18.75 8.71
CA THR A 70 7.05 19.70 7.97
C THR A 70 5.53 19.45 8.11
N VAL A 71 5.16 18.40 8.83
CA VAL A 71 3.77 17.89 8.90
C VAL A 71 3.58 17.40 10.31
N ASN A 72 2.34 17.13 10.72
CA ASN A 72 2.12 16.58 12.08
C ASN A 72 2.25 15.08 12.12
N PHE A 73 2.10 14.44 10.97
CA PHE A 73 2.35 13.01 10.87
C PHE A 73 2.64 12.62 9.44
N GLY A 74 3.36 11.52 9.30
CA GLY A 74 3.58 10.87 8.02
C GLY A 74 2.79 9.59 7.80
N ALA A 75 2.91 9.06 6.58
CA ALA A 75 2.21 7.86 6.13
C ALA A 75 3.11 7.09 5.16
N SER A 76 3.29 5.80 5.40
CA SER A 76 4.16 5.02 4.55
C SER A 76 3.85 3.54 4.60
N ASP A 77 3.85 2.89 3.42
CA ASP A 77 3.74 1.42 3.35
C ASP A 77 5.15 0.79 3.30
N ASP A 78 6.20 1.61 3.30
CA ASP A 78 7.59 1.15 3.52
C ASP A 78 7.94 1.55 4.94
N PRO A 79 7.92 0.58 5.87
CA PRO A 79 8.03 0.94 7.27
C PRO A 79 9.48 1.23 7.69
N MET A 80 9.63 2.24 8.53
CA MET A 80 10.85 2.53 9.27
C MET A 80 11.32 1.38 10.17
N LYS A 81 12.63 1.32 10.35
CA LYS A 81 13.33 0.29 11.13
C LYS A 81 14.20 0.98 12.17
N ASP A 82 14.89 0.16 12.98
CA ASP A 82 15.84 0.66 14.00
C ASP A 82 16.88 1.65 13.44
N LYS A 83 17.36 1.39 12.22
CA LYS A 83 18.40 2.22 11.58
C LYS A 83 17.98 3.64 11.18
N ASP A 84 16.73 3.84 10.78
CA ASP A 84 16.27 5.17 10.28
C ASP A 84 15.48 5.98 11.30
N ILE A 85 15.12 5.36 12.43
CA ILE A 85 14.54 6.10 13.56
C ILE A 85 15.57 6.87 14.38
N ALA A 86 16.86 6.70 14.09
CA ALA A 86 17.90 7.60 14.62
C ALA A 86 17.74 9.01 14.03
N LYS A 87 17.13 9.09 12.87
CA LYS A 87 16.86 10.33 12.17
C LYS A 87 15.62 11.10 12.71
N VAL A 88 14.80 10.46 13.54
CA VAL A 88 13.61 11.06 14.12
C VAL A 88 13.92 11.55 15.55
N LYS A 89 14.40 12.80 15.65
CA LYS A 89 14.87 13.41 16.93
C LYS A 89 13.85 13.34 18.05
N ARG A 90 12.59 13.55 17.70
CA ARG A 90 11.48 13.50 18.65
C ARG A 90 10.98 12.08 19.00
N GLY A 91 11.65 11.03 18.53
CA GLY A 91 11.16 9.65 18.70
C GLY A 91 10.00 9.31 17.77
N LEU A 92 9.93 8.07 17.37
CA LEU A 92 8.94 7.61 16.38
C LEU A 92 7.99 6.59 16.99
N VAL A 93 6.68 6.86 16.88
CA VAL A 93 5.64 5.87 17.09
C VAL A 93 5.09 5.49 15.72
N GLN A 94 5.24 4.22 15.35
CA GLN A 94 4.83 3.69 14.05
C GLN A 94 3.60 2.83 14.22
N ILE A 95 2.52 3.17 13.54
CA ILE A 95 1.17 2.69 13.83
C ILE A 95 0.51 2.13 12.56
N PRO A 96 0.29 0.79 12.49
CA PRO A 96 -0.48 0.20 11.40
C PRO A 96 -1.88 0.79 11.39
N MET A 97 -2.33 1.29 10.25
CA MET A 97 -3.63 1.96 10.17
C MET A 97 -4.64 1.16 9.34
N THR A 98 -4.18 0.57 8.25
CA THR A 98 -5.02 -0.24 7.42
C THR A 98 -4.15 -1.20 6.63
N GLY A 99 -4.78 -1.96 5.75
CA GLY A 99 -4.11 -2.93 4.93
C GLY A 99 -4.90 -3.06 3.65
N GLY A 100 -4.26 -3.65 2.65
CA GLY A 100 -4.80 -3.68 1.31
C GLY A 100 -3.98 -4.59 0.43
N THR A 101 -4.45 -4.78 -0.78
CA THR A 101 -3.84 -5.64 -1.77
C THR A 101 -3.32 -4.79 -2.92
N ILE A 102 -2.39 -5.36 -3.67
CA ILE A 102 -1.79 -4.69 -4.81
C ILE A 102 -2.16 -5.50 -6.02
N ALA A 103 -2.86 -4.85 -6.95
CA ALA A 103 -3.34 -5.49 -8.21
C ALA A 103 -2.33 -5.38 -9.32
N PHE A 104 -2.30 -6.37 -10.21
CA PHE A 104 -1.84 -6.13 -11.59
C PHE A 104 -3.05 -5.57 -12.39
N GLY A 105 -3.22 -4.24 -12.35
CA GLY A 105 -4.28 -3.54 -13.07
C GLY A 105 -3.91 -3.48 -14.54
N TYR A 106 -4.88 -3.67 -15.43
CA TYR A 106 -4.55 -3.75 -16.86
C TYR A 106 -5.68 -3.28 -17.75
N ASN A 107 -5.29 -2.78 -18.92
CA ASN A 107 -6.23 -2.32 -19.94
C ASN A 107 -6.06 -3.16 -21.18
N ASN A 108 -6.84 -4.23 -21.23
CA ASN A 108 -7.02 -5.05 -22.44
C ASN A 108 -8.38 -5.72 -22.34
N PRO A 109 -9.43 -5.07 -22.88
CA PRO A 109 -10.78 -5.63 -22.74
C PRO A 109 -10.93 -6.97 -23.48
N GLY A 110 -11.62 -7.94 -22.89
CA GLY A 110 -11.71 -9.28 -23.48
C GLY A 110 -10.38 -10.00 -23.58
N CYS A 111 -9.58 -9.87 -22.52
CA CYS A 111 -8.57 -10.83 -22.18
C CYS A 111 -8.83 -11.00 -20.71
N ASP A 112 -9.23 -12.19 -20.30
CA ASP A 112 -9.39 -12.48 -18.88
C ASP A 112 -8.06 -12.97 -18.40
N LEU A 113 -7.28 -12.06 -17.81
CA LEU A 113 -5.90 -12.33 -17.53
C LEU A 113 -5.79 -13.01 -16.21
N LYS A 114 -5.01 -14.09 -16.24
CA LYS A 114 -4.77 -14.98 -15.15
C LYS A 114 -3.24 -15.23 -15.18
N LEU A 115 -2.53 -14.71 -14.18
CA LEU A 115 -1.07 -14.74 -14.15
C LEU A 115 -0.56 -15.74 -13.12
N THR A 116 0.34 -16.61 -13.56
CA THR A 116 1.14 -17.40 -12.64
C THR A 116 2.20 -16.51 -12.00
N GLN A 117 2.76 -17.00 -10.91
CA GLN A 117 3.81 -16.28 -10.20
C GLN A 117 4.99 -15.97 -11.13
N GLN A 118 5.35 -16.98 -11.93
CA GLN A 118 6.45 -16.86 -12.91
C GLN A 118 6.17 -15.84 -14.01
N LYS A 119 5.02 -15.94 -14.71
CA LYS A 119 4.60 -14.90 -15.67
C LYS A 119 4.52 -13.54 -15.01
N ALA A 120 4.00 -13.48 -13.77
CA ALA A 120 3.89 -12.23 -13.05
C ALA A 120 5.24 -11.53 -12.97
N VAL A 121 6.25 -12.28 -12.60
CA VAL A 121 7.60 -11.75 -12.50
C VAL A 121 8.17 -11.27 -13.84
N GLU A 122 7.92 -12.06 -14.87
CA GLU A 122 8.38 -11.80 -16.23
C GLU A 122 7.78 -10.55 -16.84
N VAL A 123 6.50 -10.33 -16.58
CA VAL A 123 5.85 -9.07 -16.92
C VAL A 123 6.61 -7.96 -16.20
N ALA A 124 6.68 -8.06 -14.88
CA ALA A 124 7.26 -6.99 -14.06
C ALA A 124 8.73 -6.72 -14.40
N MET A 125 9.44 -7.75 -14.88
CA MET A 125 10.85 -7.64 -15.28
C MET A 125 11.07 -7.08 -16.69
N GLY A 126 10.00 -6.72 -17.41
CA GLY A 126 10.13 -6.24 -18.77
C GLY A 126 10.38 -7.33 -19.79
N GLN A 127 10.29 -8.61 -19.44
CA GLN A 127 10.53 -9.70 -20.40
C GLN A 127 9.32 -10.08 -21.22
N VAL A 128 8.16 -9.53 -20.91
CA VAL A 128 6.98 -9.78 -21.70
C VAL A 128 6.64 -8.52 -22.53
N THR A 129 6.90 -8.57 -23.84
CA THR A 129 6.68 -7.43 -24.74
C THR A 129 5.36 -7.49 -25.55
N ASN A 130 4.71 -8.65 -25.57
CA ASN A 130 3.44 -8.83 -26.29
C ASN A 130 2.45 -9.66 -25.47
N TRP A 131 1.17 -9.35 -25.63
CA TRP A 131 0.11 -10.09 -24.94
C TRP A 131 -0.02 -11.55 -25.44
N SER A 132 0.50 -11.84 -26.63
CA SER A 132 0.60 -13.22 -27.13
C SER A 132 1.37 -14.13 -26.16
N GLU A 133 2.41 -13.57 -25.53
CA GLU A 133 3.26 -14.28 -24.57
C GLU A 133 2.57 -14.61 -23.26
N LEU A 134 1.40 -14.03 -23.05
CA LEU A 134 0.49 -14.41 -21.97
C LEU A 134 -0.69 -15.25 -22.50
N GLY A 135 -0.66 -15.64 -23.77
CA GLY A 135 -1.77 -16.34 -24.40
C GLY A 135 -3.07 -15.58 -24.71
N CYS A 136 -3.06 -14.24 -24.66
CA CYS A 136 -4.19 -13.41 -25.16
C CYS A 136 -3.85 -13.04 -26.62
N ASP A 137 -4.67 -12.24 -27.28
CA ASP A 137 -4.39 -11.84 -28.68
C ASP A 137 -3.13 -10.97 -28.79
N ASP A 138 -2.57 -10.93 -30.00
CA ASP A 138 -1.40 -10.09 -30.30
C ASP A 138 -1.68 -8.61 -30.00
N LYS A 139 -0.83 -8.01 -29.18
CA LYS A 139 -0.98 -6.62 -28.79
C LYS A 139 0.30 -6.26 -28.08
N LYS A 140 0.88 -5.12 -28.45
CA LYS A 140 2.01 -4.56 -27.72
C LYS A 140 1.62 -4.48 -26.25
N LEU A 141 2.49 -4.97 -25.37
CA LEU A 141 2.31 -4.83 -23.93
C LEU A 141 3.13 -3.67 -23.42
N THR A 142 2.52 -2.79 -22.64
CA THR A 142 3.23 -1.71 -21.95
C THR A 142 3.16 -1.98 -20.47
N TRP A 143 4.31 -1.91 -19.83
CA TRP A 143 4.42 -2.14 -18.40
C TRP A 143 4.53 -0.78 -17.72
N ALA A 144 3.70 -0.52 -16.72
CA ALA A 144 3.67 0.74 -16.03
C ALA A 144 4.14 0.53 -14.61
N HIS A 145 5.15 1.28 -14.20
CA HIS A 145 5.68 1.20 -12.83
C HIS A 145 5.72 2.59 -12.21
N ARG A 146 6.04 2.67 -10.92
CA ARG A 146 6.18 3.98 -10.25
C ARG A 146 7.49 4.69 -10.62
N SER A 147 7.41 6.00 -10.82
CA SER A 147 8.59 6.85 -10.97
C SER A 147 8.99 7.50 -9.64
N ASP A 148 8.10 7.51 -8.65
CA ASP A 148 8.40 8.15 -7.35
C ASP A 148 8.65 7.07 -6.29
N GLY A 149 9.30 7.46 -5.19
CA GLY A 149 9.51 6.58 -4.03
C GLY A 149 8.19 6.10 -3.42
N SER A 150 8.01 4.79 -3.37
CA SER A 150 6.70 4.18 -3.17
C SER A 150 6.72 2.91 -2.29
N GLY A 151 5.89 2.88 -1.26
CA GLY A 151 5.66 1.68 -0.47
C GLY A 151 4.92 0.57 -1.23
N THR A 152 4.07 0.95 -2.21
CA THR A 152 3.41 -0.03 -3.09
C THR A 152 4.48 -0.75 -3.93
N THR A 153 5.42 0.02 -4.47
CA THR A 153 6.62 -0.53 -5.12
C THR A 153 7.43 -1.43 -4.16
N LYS A 154 7.57 -0.98 -2.92
CA LYS A 154 8.30 -1.77 -1.91
C LYS A 154 7.64 -3.13 -1.68
N ALA A 155 6.36 -3.16 -1.32
CA ALA A 155 5.63 -4.41 -1.10
C ALA A 155 5.50 -5.25 -2.39
N PHE A 156 5.26 -4.60 -3.53
CA PHE A 156 5.15 -5.27 -4.84
C PHE A 156 6.45 -6.01 -5.22
N THR A 157 7.57 -5.33 -5.04
CA THR A 157 8.84 -5.91 -5.42
C THR A 157 9.27 -6.92 -4.37
N ASN A 158 8.88 -6.68 -3.12
CA ASN A 158 9.02 -7.69 -2.07
C ASN A 158 8.33 -9.02 -2.46
N SER A 159 7.14 -8.93 -3.06
CA SER A 159 6.45 -10.12 -3.54
C SER A 159 7.15 -10.70 -4.76
N MET A 160 7.40 -9.88 -5.78
CA MET A 160 8.16 -10.33 -6.96
C MET A 160 9.44 -11.08 -6.56
N GLN A 161 10.22 -10.53 -5.61
CA GLN A 161 11.40 -11.21 -5.11
C GLN A 161 11.14 -12.62 -4.61
N ALA A 162 10.12 -12.81 -3.78
CA ALA A 162 9.75 -14.12 -3.25
C ALA A 162 9.01 -15.04 -4.24
N PHE A 163 8.59 -14.48 -5.37
CA PHE A 163 7.89 -15.22 -6.43
C PHE A 163 8.81 -16.09 -7.26
N SER A 164 9.91 -15.50 -7.71
CA SER A 164 10.84 -16.21 -8.55
C SER A 164 12.19 -15.52 -8.55
N LYS A 165 13.24 -16.33 -8.67
CA LYS A 165 14.61 -15.85 -8.78
C LYS A 165 14.87 -15.21 -10.14
N THR A 166 13.96 -15.42 -11.11
CA THR A 166 13.87 -14.56 -12.31
C THR A 166 13.79 -13.06 -11.94
N TRP A 167 13.17 -12.73 -10.82
CA TRP A 167 13.19 -11.35 -10.33
C TRP A 167 14.56 -11.07 -9.72
N THR A 168 15.33 -10.19 -10.35
CA THR A 168 16.71 -9.95 -9.92
C THR A 168 16.92 -8.54 -9.36
N LEU A 169 15.85 -7.74 -9.20
CA LEU A 169 15.98 -6.30 -8.87
C LEU A 169 16.02 -5.98 -7.39
N GLY A 170 15.88 -6.99 -6.53
CA GLY A 170 15.76 -6.78 -5.12
C GLY A 170 14.40 -6.19 -4.76
N THR A 171 14.37 -5.40 -3.69
CA THR A 171 13.16 -4.81 -3.16
C THR A 171 13.49 -3.52 -2.41
N GLY A 172 12.81 -2.43 -2.78
CA GLY A 172 12.91 -1.17 -2.06
C GLY A 172 11.81 -0.26 -2.56
N LYS A 173 11.71 0.95 -2.01
CA LYS A 173 10.70 1.92 -2.48
C LYS A 173 10.90 2.39 -3.93
N SER A 174 12.11 2.23 -4.47
CA SER A 174 12.34 2.24 -5.90
C SER A 174 13.18 1.03 -6.26
N VAL A 175 13.00 0.52 -7.49
CA VAL A 175 13.92 -0.46 -8.07
C VAL A 175 14.31 -0.05 -9.50
N ALA A 176 15.37 -0.70 -10.00
CA ALA A 176 15.99 -0.44 -11.30
C ALA A 176 15.23 -1.14 -12.42
N TRP A 177 14.03 -0.68 -12.67
CA TRP A 177 13.17 -1.29 -13.67
C TRP A 177 13.92 -1.33 -15.01
N PRO A 178 14.07 -2.51 -15.63
CA PRO A 178 14.70 -2.50 -16.97
C PRO A 178 13.86 -1.84 -18.09
N ALA A 179 12.55 -1.72 -17.91
CA ALA A 179 11.65 -1.29 -18.98
C ALA A 179 10.31 -0.77 -18.45
N GLY A 180 9.63 -0.02 -19.31
CA GLY A 180 8.27 0.41 -19.06
C GLY A 180 8.14 1.90 -18.91
N VAL A 181 6.95 2.34 -18.54
CA VAL A 181 6.63 3.77 -18.38
C VAL A 181 6.45 4.10 -16.90
N GLY A 182 6.84 5.30 -16.52
CA GLY A 182 6.71 5.79 -15.15
C GLY A 182 5.42 6.58 -14.96
N GLY A 183 4.76 6.34 -13.84
CA GLY A 183 3.64 7.16 -13.40
C GLY A 183 3.91 7.61 -11.99
N LYS A 184 3.61 8.87 -11.71
CA LYS A 184 3.75 9.44 -10.37
C LYS A 184 2.52 9.10 -9.53
N GLY A 185 2.75 8.33 -8.46
CA GLY A 185 1.70 7.91 -7.57
C GLY A 185 0.93 6.74 -8.17
N ASN A 186 0.20 6.04 -7.29
CA ASN A 186 -0.80 5.05 -7.67
C ASN A 186 -1.72 5.60 -8.75
N ALA A 187 -2.11 6.87 -8.57
CA ALA A 187 -3.02 7.55 -9.49
C ALA A 187 -2.40 7.67 -10.89
N GLY A 188 -1.14 8.09 -10.94
CA GLY A 188 -0.41 8.20 -12.22
C GLY A 188 -0.26 6.86 -12.94
N VAL A 189 0.07 5.81 -12.20
CA VAL A 189 0.16 4.48 -12.77
C VAL A 189 -1.19 4.07 -13.32
N ALA A 190 -2.23 4.20 -12.51
CA ALA A 190 -3.60 3.89 -12.95
C ALA A 190 -4.01 4.70 -14.19
N GLY A 191 -3.63 5.98 -14.20
CA GLY A 191 -3.88 6.89 -15.33
C GLY A 191 -3.26 6.41 -16.63
N VAL A 192 -2.04 5.89 -16.55
CA VAL A 192 -1.34 5.34 -17.73
C VAL A 192 -1.99 4.07 -18.23
N ILE A 193 -2.45 3.23 -17.30
CA ILE A 193 -3.17 2.01 -17.66
C ILE A 193 -4.50 2.37 -18.32
N ARG A 194 -5.24 3.31 -17.72
CA ARG A 194 -6.51 3.83 -18.30
C ARG A 194 -6.40 4.28 -19.76
N ASN A 195 -5.31 4.99 -20.07
CA ASN A 195 -5.11 5.70 -21.34
C ASN A 195 -4.35 4.90 -22.42
N THR A 196 -3.81 3.74 -22.04
CA THR A 196 -2.91 2.94 -22.90
C THR A 196 -3.48 1.52 -23.06
N ASP A 197 -3.96 1.23 -24.26
CA ASP A 197 -4.43 -0.09 -24.61
C ASP A 197 -3.25 -1.02 -24.56
N GLY A 198 -3.40 -2.12 -23.84
CA GLY A 198 -2.33 -3.08 -23.68
C GLY A 198 -1.37 -2.76 -22.55
N ALA A 199 -1.68 -1.74 -21.74
CA ALA A 199 -0.85 -1.42 -20.59
C ALA A 199 -1.26 -2.24 -19.39
N ILE A 200 -0.28 -2.47 -18.54
CA ILE A 200 -0.45 -3.24 -17.34
C ILE A 200 0.58 -2.74 -16.33
N GLY A 201 0.19 -2.68 -15.05
CA GLY A 201 1.01 -2.09 -14.01
C GLY A 201 0.47 -2.47 -12.66
N TYR A 202 1.11 -1.97 -11.60
CA TYR A 202 0.77 -2.35 -10.23
C TYR A 202 0.19 -1.14 -9.50
N VAL A 203 -1.00 -1.33 -8.93
CA VAL A 203 -1.73 -0.32 -8.18
C VAL A 203 -2.42 -1.01 -6.99
N ASN A 204 -2.57 -0.27 -5.89
CA ASN A 204 -3.41 -0.67 -4.78
C ASN A 204 -4.85 -0.95 -5.27
N GLN A 205 -5.53 -1.92 -4.61
CA GLN A 205 -6.86 -2.39 -5.05
C GLN A 205 -7.93 -1.29 -5.25
N SER A 206 -7.84 -0.23 -4.45
CA SER A 206 -8.77 0.90 -4.50
C SER A 206 -8.71 1.70 -5.81
N TYR A 207 -7.64 1.51 -6.57
CA TYR A 207 -7.48 2.06 -7.91
C TYR A 207 -7.93 1.11 -9.05
N ILE A 208 -8.50 -0.04 -8.73
CA ILE A 208 -9.21 -0.88 -9.72
C ILE A 208 -10.61 -0.27 -9.91
N ASP A 209 -10.78 0.52 -10.95
CA ASP A 209 -12.08 1.14 -11.25
C ASP A 209 -12.11 1.70 -12.65
N GLU A 210 -13.32 2.01 -13.11
CA GLU A 210 -13.57 2.38 -14.49
C GLU A 210 -12.99 1.26 -15.40
N ASN A 211 -12.05 1.54 -16.29
CA ASN A 211 -11.54 0.52 -17.20
C ASN A 211 -10.16 -0.09 -16.82
N VAL A 212 -9.72 0.06 -15.57
CA VAL A 212 -8.55 -0.67 -15.06
C VAL A 212 -9.02 -1.93 -14.36
N ARG A 213 -8.76 -3.09 -14.98
CA ARG A 213 -9.21 -4.40 -14.45
C ARG A 213 -8.06 -5.11 -13.72
N ALA A 214 -8.39 -5.90 -12.72
CA ALA A 214 -7.37 -6.61 -11.96
C ALA A 214 -7.17 -8.01 -12.53
N ALA A 215 -5.93 -8.42 -12.74
CA ALA A 215 -5.61 -9.79 -13.14
C ALA A 215 -5.84 -10.73 -11.92
N ALA A 216 -6.36 -11.94 -12.18
CA ALA A 216 -6.34 -12.99 -11.15
C ALA A 216 -4.88 -13.46 -11.01
N LEU A 217 -4.36 -13.53 -9.79
CA LEU A 217 -2.95 -13.84 -9.53
C LEU A 217 -2.80 -15.11 -8.68
N GLN A 218 -1.87 -15.99 -9.09
CA GLN A 218 -1.66 -17.30 -8.48
C GLN A 218 -0.97 -17.14 -7.14
N ASN A 219 -1.54 -17.73 -6.09
CA ASN A 219 -0.85 -17.79 -4.78
C ASN A 219 -0.15 -19.14 -4.64
N LEU A 220 0.62 -19.31 -3.55
CA LEU A 220 1.42 -20.53 -3.32
C LEU A 220 0.60 -21.80 -3.15
N SER A 221 -0.65 -21.64 -2.68
CA SER A 221 -1.63 -22.74 -2.67
C SER A 221 -2.24 -23.06 -4.07
N GLY A 222 -1.85 -22.30 -5.09
CA GLY A 222 -2.21 -22.59 -6.47
C GLY A 222 -3.51 -22.04 -7.03
N GLU A 223 -4.32 -21.36 -6.23
CA GLU A 223 -5.52 -20.69 -6.75
C GLU A 223 -5.14 -19.33 -7.29
N PHE A 224 -5.91 -18.88 -8.26
CA PHE A 224 -5.69 -17.62 -8.94
C PHE A 224 -6.75 -16.73 -8.36
N LEU A 225 -6.37 -15.63 -7.72
CA LEU A 225 -7.34 -14.83 -7.01
C LEU A 225 -7.18 -13.41 -7.43
N LYS A 226 -8.30 -12.70 -7.45
CA LYS A 226 -8.30 -11.27 -7.66
C LYS A 226 -8.28 -10.61 -6.28
N PRO A 227 -7.87 -9.34 -6.22
CA PRO A 227 -7.89 -8.64 -4.94
C PRO A 227 -9.28 -8.50 -4.35
N SER A 228 -9.39 -8.73 -3.06
CA SER A 228 -10.63 -8.48 -2.35
C SER A 228 -10.26 -8.32 -0.90
N VAL A 229 -11.25 -7.91 -0.11
CA VAL A 229 -11.06 -7.74 1.32
C VAL A 229 -10.71 -9.12 1.92
N GLU A 230 -11.57 -10.11 1.62
CA GLU A 230 -11.38 -11.53 2.01
C GLU A 230 -9.96 -12.04 1.72
N ALA A 231 -9.59 -12.06 0.44
CA ALA A 231 -8.30 -12.61 0.06
C ALA A 231 -7.17 -11.81 0.72
N GLY A 232 -7.35 -10.51 0.90
CA GLY A 232 -6.36 -9.64 1.55
C GLY A 232 -6.19 -9.89 3.03
N ALA A 233 -7.29 -10.01 3.75
CA ALA A 233 -7.25 -10.36 5.17
C ALA A 233 -6.59 -11.73 5.43
N LYS A 234 -6.78 -12.66 4.49
CA LYS A 234 -6.16 -13.97 4.62
C LYS A 234 -4.66 -13.93 4.41
N ALA A 235 -4.16 -12.98 3.62
CA ALA A 235 -2.71 -12.78 3.47
C ALA A 235 -2.12 -12.04 4.67
N LEU A 236 -2.85 -11.10 5.26
CA LEU A 236 -2.31 -10.28 6.37
C LEU A 236 -2.42 -10.92 7.77
N ASN A 237 -3.40 -11.81 7.92
CA ASN A 237 -3.53 -12.69 9.08
C ASN A 237 -2.29 -13.09 9.89
N GLY A 238 -1.34 -13.75 9.23
CA GLY A 238 -0.20 -14.38 9.92
C GLY A 238 1.06 -13.55 10.07
N ILE A 239 0.94 -12.22 9.98
CA ILE A 239 2.10 -11.35 10.08
C ILE A 239 2.39 -11.12 11.55
N THR A 240 3.58 -11.52 11.99
CA THR A 240 4.02 -11.10 13.32
C THR A 240 4.67 -9.73 13.13
N LEU A 241 4.35 -8.83 14.03
CA LEU A 241 4.83 -7.48 13.96
C LEU A 241 6.07 -7.39 14.79
N ASP A 242 6.98 -6.50 14.42
CA ASP A 242 8.24 -6.36 15.12
C ASP A 242 8.11 -5.34 16.27
N GLU A 243 9.25 -4.89 16.81
CA GLU A 243 9.25 -3.90 17.89
C GLU A 243 8.65 -2.53 17.50
N ASN A 244 8.68 -2.17 16.21
CA ASN A 244 7.99 -0.96 15.73
C ASN A 244 6.71 -1.25 14.95
N LEU A 245 6.08 -2.38 15.24
CA LEU A 245 4.82 -2.81 14.63
C LEU A 245 4.88 -2.92 13.11
N ALA A 246 6.06 -3.21 12.59
CA ALA A 246 6.28 -3.44 11.18
C ALA A 246 6.42 -4.94 10.95
N GLY A 247 6.03 -5.37 9.76
CA GLY A 247 5.97 -6.79 9.44
C GLY A 247 5.35 -6.96 8.07
N THR A 248 5.69 -8.06 7.40
CA THR A 248 5.27 -8.32 6.02
C THR A 248 5.06 -9.82 5.80
N ASN A 249 4.27 -10.13 4.77
CA ASN A 249 4.04 -11.50 4.31
C ASN A 249 4.14 -11.51 2.78
N PRO A 250 5.37 -11.57 2.24
CA PRO A 250 5.59 -11.37 0.80
C PRO A 250 4.96 -12.37 -0.15
N ASN A 251 4.79 -13.61 0.31
CA ASN A 251 4.14 -14.61 -0.53
C ASN A 251 3.40 -15.61 0.36
N PRO A 252 2.12 -15.30 0.72
CA PRO A 252 1.44 -16.05 1.76
C PRO A 252 1.19 -17.50 1.44
N THR A 253 1.50 -18.36 2.41
CA THR A 253 1.23 -19.76 2.30
C THR A 253 -0.21 -20.06 2.63
N ALA A 254 -0.95 -19.10 3.22
CA ALA A 254 -2.33 -19.36 3.66
C ALA A 254 -3.29 -19.55 2.48
N LYS A 255 -4.29 -20.42 2.70
CA LYS A 255 -5.29 -20.75 1.69
C LYS A 255 -6.18 -19.53 1.49
N GLY A 256 -6.58 -19.28 0.25
CA GLY A 256 -7.43 -18.15 -0.07
C GLY A 256 -6.75 -16.78 -0.02
N ALA A 257 -5.44 -16.74 0.21
CA ALA A 257 -4.73 -15.48 0.39
C ALA A 257 -4.35 -14.93 -0.98
N TYR A 258 -4.67 -13.65 -1.21
CA TYR A 258 -4.20 -12.92 -2.39
C TYR A 258 -2.71 -12.68 -2.12
N PRO A 259 -1.84 -12.95 -3.12
CA PRO A 259 -0.40 -13.05 -2.76
C PRO A 259 0.41 -11.76 -2.60
N ILE A 260 -0.17 -10.62 -2.98
CA ILE A 260 0.51 -9.33 -2.85
C ILE A 260 -0.37 -8.43 -1.97
N ALA A 261 -0.02 -8.41 -0.69
CA ALA A 261 -0.76 -7.67 0.30
C ALA A 261 0.27 -7.03 1.23
N THR A 262 -0.10 -5.90 1.82
CA THR A 262 0.73 -5.27 2.86
C THR A 262 -0.12 -4.40 3.74
N LEU A 263 0.34 -4.27 4.99
CA LEU A 263 -0.09 -3.23 5.90
C LEU A 263 0.51 -1.90 5.49
N THR A 264 -0.03 -0.83 6.05
CA THR A 264 0.50 0.51 5.84
C THR A 264 0.39 1.28 7.15
N TRP A 265 1.28 2.26 7.35
CA TRP A 265 1.57 2.81 8.66
C TRP A 265 1.49 4.33 8.70
N ILE A 266 0.97 4.86 9.81
CA ILE A 266 1.12 6.27 10.14
C ILE A 266 2.38 6.43 11.00
N LEU A 267 3.04 7.55 10.79
CA LEU A 267 4.27 7.89 11.43
C LEU A 267 3.95 9.11 12.24
N ALA A 268 4.02 8.99 13.56
CA ALA A 268 3.72 10.09 14.44
C ALA A 268 4.88 10.33 15.39
N TYR A 269 5.06 11.57 15.83
CA TYR A 269 6.14 11.92 16.78
C TYR A 269 5.78 11.45 18.19
N GLU A 270 6.73 10.77 18.82
CA GLU A 270 6.57 10.37 20.22
C GLU A 270 6.42 11.60 21.13
N ASN A 271 7.31 12.57 20.96
CA ASN A 271 7.28 13.85 21.71
C ASN A 271 7.28 15.02 20.74
N GLY A 272 7.25 16.25 21.28
CA GLY A 272 7.39 17.45 20.47
C GLY A 272 6.15 17.97 19.75
N ASN A 273 5.04 17.24 19.82
CA ASN A 273 3.81 17.60 19.08
C ASN A 273 3.17 18.87 19.66
N GLY A 274 3.45 19.16 20.94
CA GLY A 274 3.07 20.43 21.56
C GLY A 274 1.57 20.50 21.79
N ARG A 275 0.96 21.63 21.43
CA ARG A 275 -0.51 21.76 21.47
C ARG A 275 -1.26 20.89 20.44
N ASN A 276 -0.55 20.26 19.50
CA ASN A 276 -1.14 19.23 18.63
C ASN A 276 -1.05 17.78 19.14
N THR A 277 -0.56 17.59 20.36
CA THR A 277 -0.53 16.27 20.99
C THR A 277 -1.91 15.62 21.09
N LYS A 278 -2.88 16.30 21.70
CA LYS A 278 -4.23 15.73 21.89
C LYS A 278 -4.97 15.56 20.56
N PRO A 279 -4.93 16.60 19.67
CA PRO A 279 -5.45 16.48 18.32
C PRO A 279 -4.89 15.31 17.50
N VAL A 280 -3.59 15.01 17.63
CA VAL A 280 -3.02 13.82 16.96
C VAL A 280 -3.59 12.54 17.56
N LYS A 281 -3.56 12.46 18.90
CA LYS A 281 -4.03 11.27 19.59
C LYS A 281 -5.49 10.95 19.25
N THR A 282 -6.33 12.00 19.22
CA THR A 282 -7.74 11.83 18.85
C THR A 282 -7.95 11.36 17.42
N ALA A 283 -7.27 11.98 16.45
CA ALA A 283 -7.43 11.58 15.04
C ALA A 283 -7.09 10.10 14.86
N LEU A 284 -5.97 9.67 15.43
CA LEU A 284 -5.51 8.28 15.27
C LEU A 284 -6.37 7.28 16.02
N SER A 285 -6.71 7.62 17.25
CA SER A 285 -7.71 6.86 18.02
C SER A 285 -9.03 6.66 17.30
N ARG A 286 -9.57 7.75 16.75
CA ARG A 286 -10.80 7.67 15.97
C ARG A 286 -10.63 6.76 14.75
N LEU A 287 -9.54 6.91 14.01
CA LEU A 287 -9.28 6.02 12.85
C LEU A 287 -9.08 4.57 13.24
N LEU A 288 -8.57 4.31 14.44
CA LEU A 288 -8.43 2.93 14.90
C LEU A 288 -9.69 2.39 15.58
N SER A 289 -10.77 3.17 15.70
CA SER A 289 -12.04 2.65 16.28
C SER A 289 -12.67 1.63 15.33
N ASP A 290 -13.52 0.75 15.88
CA ASP A 290 -14.29 -0.21 15.06
C ASP A 290 -15.12 0.53 13.99
N GLU A 291 -15.70 1.65 14.41
CA GLU A 291 -16.57 2.45 13.54
C GLU A 291 -15.83 2.85 12.26
N TYR A 292 -14.58 3.26 12.38
CA TYR A 292 -13.84 3.70 11.20
C TYR A 292 -13.29 2.53 10.43
N GLN A 293 -12.67 1.58 11.13
CA GLN A 293 -12.05 0.43 10.47
C GLN A 293 -13.06 -0.36 9.67
N ASP A 294 -14.28 -0.44 10.18
CA ASP A 294 -15.39 -1.07 9.48
C ASP A 294 -15.88 -0.41 8.19
N LYS A 295 -15.40 0.78 7.86
CA LYS A 295 -15.61 1.37 6.53
C LYS A 295 -14.59 0.95 5.46
N ALA A 296 -13.48 0.35 5.90
CA ALA A 296 -12.40 -0.04 5.01
C ALA A 296 -12.86 -0.88 3.82
N PRO A 297 -13.66 -1.94 4.04
CA PRO A 297 -14.12 -2.79 2.91
C PRO A 297 -14.83 -2.09 1.76
N SER A 298 -15.39 -0.90 2.00
CA SER A 298 -16.01 -0.08 0.95
C SER A 298 -15.03 0.29 -0.14
N LEU A 299 -13.75 0.42 0.20
CA LEU A 299 -12.73 0.73 -0.80
C LEU A 299 -11.71 -0.40 -1.05
N GLY A 300 -12.06 -1.62 -0.67
CA GLY A 300 -11.20 -2.78 -0.88
C GLY A 300 -10.20 -3.06 0.21
N PHE A 301 -10.13 -2.20 1.22
CA PHE A 301 -9.14 -2.31 2.30
C PHE A 301 -9.53 -3.33 3.37
N VAL A 302 -8.56 -3.72 4.17
CA VAL A 302 -8.71 -4.75 5.19
C VAL A 302 -8.87 -4.07 6.55
N PRO A 303 -10.01 -4.30 7.23
CA PRO A 303 -10.12 -3.84 8.61
C PRO A 303 -9.08 -4.53 9.51
N LEU A 304 -8.39 -3.75 10.33
CA LEU A 304 -7.47 -4.32 11.30
C LEU A 304 -8.35 -4.82 12.43
N LYS A 305 -8.02 -5.98 12.97
CA LYS A 305 -8.75 -6.53 14.11
C LYS A 305 -7.74 -7.25 14.97
N GLY A 306 -8.19 -7.79 16.10
CA GLY A 306 -7.37 -8.71 16.92
C GLY A 306 -6.14 -8.04 17.51
N ASP A 307 -5.01 -8.76 17.52
CA ASP A 307 -3.77 -8.24 18.14
C ASP A 307 -3.15 -7.07 17.37
N ILE A 308 -3.37 -7.01 16.05
CA ILE A 308 -2.78 -5.97 15.22
C ILE A 308 -3.36 -4.63 15.69
N LEU A 309 -4.70 -4.56 15.72
CA LEU A 309 -5.43 -3.34 16.09
C LEU A 309 -5.07 -2.89 17.50
N GLU A 310 -4.95 -3.84 18.40
CA GLU A 310 -4.76 -3.56 19.80
C GLU A 310 -3.43 -2.86 20.08
N LYS A 311 -2.37 -3.34 19.47
CA LYS A 311 -1.07 -2.72 19.59
C LYS A 311 -1.05 -1.35 18.92
N ALA A 312 -1.81 -1.20 17.81
CA ALA A 312 -1.97 0.09 17.16
C ALA A 312 -2.56 1.12 18.11
N ARG A 313 -3.68 0.76 18.76
CA ARG A 313 -4.31 1.64 19.77
C ARG A 313 -3.37 1.90 20.93
N GLY A 314 -2.76 0.83 21.46
CA GLY A 314 -1.71 0.94 22.49
C GLY A 314 -0.64 1.97 22.13
N ALA A 315 -0.12 1.85 20.91
CA ALA A 315 0.91 2.74 20.36
C ALA A 315 0.50 4.20 20.37
N VAL A 316 -0.73 4.48 19.91
CA VAL A 316 -1.28 5.84 19.94
C VAL A 316 -1.23 6.41 21.37
N GLU A 317 -1.56 5.58 22.35
CA GLU A 317 -1.68 6.07 23.73
C GLU A 317 -0.32 6.40 24.34
N ARG A 318 0.78 6.00 23.69
CA ARG A 318 2.14 6.40 24.09
C ARG A 318 2.62 7.76 23.61
N ILE A 319 1.83 8.47 22.80
CA ILE A 319 2.27 9.73 22.18
C ILE A 319 2.25 10.86 23.24
N GLY A 320 3.23 11.76 23.16
CA GLY A 320 3.43 12.87 24.13
C GLY A 320 3.27 14.31 23.62
#